data_4BSG
#
_entry.id   4BSG
#
_cell.length_a   116.059
_cell.length_b   116.059
_cell.length_c   296.315
_cell.angle_alpha   90.00
_cell.angle_beta   90.00
_cell.angle_gamma   120.00
#
_symmetry.space_group_name_H-M   'H 3 2'
#
loop_
_entity.id
_entity.type
_entity.pdbx_description
1 polymer HEMAGGLUTININ
2 polymer HEMAGGLUTININ
3 branched 2-acetamido-2-deoxy-beta-D-glucopyranose-(1-4)-2-acetamido-2-deoxy-beta-D-glucopyranose
4 non-polymer 2-acetamido-2-deoxy-beta-D-glucopyranose
5 non-polymer 'SULFATE ION'
6 water water
#
loop_
_entity_poly.entity_id
_entity_poly.type
_entity_poly.pdbx_seq_one_letter_code
_entity_poly.pdbx_strand_id
1 'polypeptide(L)'
;DKICLGHHAVSNGTKVNTLTERGVEVVNATETVERTNVPRICSKGKRTVDLGQCGLLGTITGPPQCDQFLEFSADLIIER
REGSDVCYPGKFVNEEALRQILRESGGIDKETMGFTYSGIRTNGATSACRRSGSSFYAEMKWLLSNTDNAAFPQMTKSYK
NTRKDPALIIWGIHHSGSTTEQTKLYGSGNKLITVGSSNYQQSFVPSPGARPQVNGQSGRIDFHWLMLNPNDTVTFSFNG
AFIAPDRASFLRGKSMGIQSSVQVDANCEGDCYHSGGTIISNLPFQNINSRAVGKCPRYVKQESLMLATGMKNVPEIPKG
R
;
A
2 'polypeptide(L)'
;GLFGAIAGFIENGWEGLIDGWYGFRHQNAQGEGTAADYKSTQSAIDQITGKLNRLIEKTNQQFELIDNEFTEVEKQIGNV
INWTRDSMTEVWSYNAELLVAMENQHTIDLADSEMNKLYERVKRQLRENAEEDGTGCFEIFHKCDDDCMASIRNNTYDHS
RYREEAMQNRIQIDPVK
;
B
#
loop_
_chem_comp.id
_chem_comp.type
_chem_comp.name
_chem_comp.formula
NAG D-saccharide, beta linking 2-acetamido-2-deoxy-beta-D-glucopyranose 'C8 H15 N O6'
SO4 non-polymer 'SULFATE ION' 'O4 S -2'
#
# COMPACT_ATOMS: atom_id res chain seq x y z
N ASP A 1 32.18 49.59 -15.27
CA ASP A 1 33.56 49.01 -15.30
C ASP A 1 33.56 47.49 -15.26
N LYS A 2 32.56 46.88 -14.62
CA LYS A 2 32.50 45.42 -14.54
C LYS A 2 31.11 44.86 -14.27
N ILE A 3 30.83 43.70 -14.83
CA ILE A 3 29.60 42.94 -14.57
C ILE A 3 29.98 41.56 -14.04
N CYS A 4 29.33 41.15 -12.95
CA CYS A 4 29.69 39.92 -12.28
C CYS A 4 28.51 38.95 -12.19
N LEU A 5 28.78 37.67 -12.44
CA LEU A 5 27.76 36.63 -12.42
C LEU A 5 27.66 36.01 -11.04
N GLY A 6 26.47 35.54 -10.69
CA GLY A 6 26.26 34.89 -9.40
C GLY A 6 25.03 34.00 -9.36
N HIS A 7 24.76 33.45 -8.18
CA HIS A 7 23.61 32.59 -7.95
C HIS A 7 23.02 32.89 -6.58
N HIS A 8 21.79 32.47 -6.34
CA HIS A 8 21.13 32.79 -5.07
C HIS A 8 21.64 31.89 -3.94
N ALA A 9 21.26 32.24 -2.71
CA ALA A 9 21.60 31.44 -1.53
C ALA A 9 20.71 31.86 -0.38
N VAL A 10 20.64 30.99 0.64
CA VAL A 10 19.83 31.28 1.83
C VAL A 10 20.65 31.06 3.10
N SER A 11 20.17 31.62 4.21
CA SER A 11 20.81 31.41 5.50
C SER A 11 20.51 30.01 6.03
N ASN A 12 19.26 29.59 5.89
CA ASN A 12 18.81 28.29 6.39
C ASN A 12 18.56 27.29 5.24
N GLY A 13 19.62 26.58 4.84
CA GLY A 13 19.50 25.54 3.83
C GLY A 13 18.98 24.24 4.41
N THR A 14 18.90 23.21 3.57
CA THR A 14 18.46 21.89 4.01
C THR A 14 19.52 20.86 3.61
N LYS A 15 19.83 19.94 4.53
CA LYS A 15 20.86 18.93 4.28
C LYS A 15 20.31 17.72 3.52
N VAL A 16 21.11 17.25 2.57
CA VAL A 16 20.82 16.05 1.80
C VAL A 16 22.10 15.21 1.66
N ASN A 17 21.92 13.96 1.24
CA ASN A 17 23.05 13.07 0.99
C ASN A 17 23.23 12.87 -0.51
N THR A 18 24.47 12.72 -0.94
CA THR A 18 24.79 12.51 -2.35
C THR A 18 25.59 11.21 -2.45
N LEU A 19 26.09 10.89 -3.64
CA LEU A 19 26.96 9.73 -3.81
C LEU A 19 28.28 9.93 -3.09
N THR A 20 28.71 11.19 -3.01
CA THR A 20 30.05 11.52 -2.56
C THR A 20 30.12 12.12 -1.14
N GLU A 21 28.99 12.50 -0.56
CA GLU A 21 29.02 13.19 0.74
C GLU A 21 27.70 13.10 1.49
N ARG A 22 27.80 13.03 2.82
CA ARG A 22 26.63 13.03 3.70
C ARG A 22 26.40 14.44 4.23
N GLY A 23 25.15 14.91 4.20
CA GLY A 23 24.79 16.18 4.80
C GLY A 23 25.25 17.41 4.04
N VAL A 24 25.19 17.36 2.72
CA VAL A 24 25.45 18.52 1.87
C VAL A 24 24.25 19.45 1.97
N GLU A 25 24.50 20.72 2.22
CA GLU A 25 23.41 21.68 2.39
C GLU A 25 23.01 22.27 1.05
N VAL A 26 21.73 22.18 0.73
CA VAL A 26 21.19 22.71 -0.51
C VAL A 26 20.11 23.76 -0.24
N VAL A 27 19.79 24.55 -1.25
CA VAL A 27 18.88 25.68 -1.09
C VAL A 27 17.49 25.21 -0.67
N ASN A 28 17.02 24.13 -1.28
CA ASN A 28 15.77 23.52 -0.85
C ASN A 28 15.75 22.02 -1.13
N ALA A 29 14.87 21.32 -0.44
CA ALA A 29 14.74 19.88 -0.59
C ALA A 29 13.35 19.44 -0.16
N THR A 30 12.99 18.23 -0.52
CA THR A 30 11.67 17.69 -0.22
C THR A 30 11.76 16.21 0.17
N GLU A 31 10.85 15.79 1.05
CA GLU A 31 10.85 14.44 1.59
C GLU A 31 10.30 13.42 0.58
N THR A 32 10.94 12.25 0.51
CA THR A 32 10.46 11.17 -0.34
C THR A 32 9.86 10.00 0.44
N VAL A 33 10.05 9.99 1.77
CA VAL A 33 9.51 8.93 2.63
C VAL A 33 8.33 9.43 3.46
N GLU A 34 7.16 8.82 3.27
CA GLU A 34 5.98 9.21 4.03
C GLU A 34 6.02 8.69 5.47
N ARG A 35 5.79 9.60 6.42
CA ARG A 35 5.75 9.28 7.85
C ARG A 35 4.39 9.57 8.49
N THR A 36 3.52 10.31 7.79
CA THR A 36 2.24 10.73 8.35
C THR A 36 1.16 9.69 8.05
N ASN A 37 0.57 9.15 9.10
CA ASN A 37 -0.53 8.23 9.01
C ASN A 37 -1.84 8.97 9.31
N VAL A 38 -2.92 8.53 8.68
CA VAL A 38 -4.25 8.96 9.06
C VAL A 38 -4.87 7.83 9.86
N PRO A 39 -5.22 8.08 11.14
CA PRO A 39 -5.69 7.00 12.02
C PRO A 39 -7.17 6.59 11.81
N ARG A 40 -7.57 6.46 10.55
CA ARG A 40 -8.93 6.05 10.18
C ARG A 40 -8.85 5.23 8.89
N ILE A 41 -9.87 4.43 8.65
CA ILE A 41 -10.01 3.74 7.37
C ILE A 41 -10.75 4.69 6.45
N CYS A 42 -10.00 5.29 5.53
CA CYS A 42 -10.53 6.31 4.62
C CYS A 42 -11.28 5.67 3.46
N SER A 43 -12.61 5.64 3.58
CA SER A 43 -13.47 4.80 2.76
C SER A 43 -14.40 5.58 1.81
N LYS A 44 -14.14 6.87 1.62
CA LYS A 44 -14.96 7.68 0.72
C LYS A 44 -15.13 7.00 -0.64
N GLY A 45 -16.37 6.90 -1.10
CA GLY A 45 -16.67 6.40 -2.44
C GLY A 45 -16.61 4.88 -2.62
N LYS A 46 -16.38 4.13 -1.54
CA LYS A 46 -16.24 2.68 -1.63
C LYS A 46 -17.36 1.97 -0.87
N ARG A 47 -17.95 0.96 -1.47
CA ARG A 47 -18.89 0.08 -0.77
C ARG A 47 -18.11 -0.67 0.29
N THR A 48 -18.35 -0.31 1.54
CA THR A 48 -17.57 -0.79 2.66
C THR A 48 -18.44 -1.63 3.60
N VAL A 49 -17.88 -2.75 4.02
CA VAL A 49 -18.53 -3.65 4.98
C VAL A 49 -17.59 -3.86 6.15
N ASP A 50 -17.95 -3.29 7.30
CA ASP A 50 -17.18 -3.43 8.53
C ASP A 50 -17.82 -4.58 9.32
N LEU A 51 -17.10 -5.69 9.42
CA LEU A 51 -17.63 -6.94 9.97
C LEU A 51 -17.88 -6.90 11.47
N GLY A 52 -17.16 -6.04 12.19
CA GLY A 52 -17.38 -5.89 13.63
C GLY A 52 -17.22 -7.21 14.35
N GLN A 53 -18.29 -7.66 14.99
CA GLN A 53 -18.34 -8.92 15.75
C GLN A 53 -18.40 -10.18 14.86
N CYS A 54 -18.77 -10.01 13.60
CA CYS A 54 -18.86 -11.13 12.69
C CYS A 54 -17.47 -11.49 12.13
N GLY A 55 -17.08 -12.74 12.27
CA GLY A 55 -15.84 -13.23 11.66
C GLY A 55 -16.11 -13.46 10.19
N LEU A 56 -15.10 -13.19 9.36
CA LEU A 56 -15.26 -13.31 7.90
C LEU A 56 -15.80 -14.69 7.48
N LEU A 57 -15.29 -15.75 8.11
CA LEU A 57 -15.73 -17.11 7.78
C LEU A 57 -17.14 -17.40 8.31
N GLY A 58 -17.58 -16.61 9.29
CA GLY A 58 -18.95 -16.69 9.79
C GLY A 58 -20.00 -16.24 8.77
N THR A 59 -19.60 -15.44 7.79
CA THR A 59 -20.53 -15.00 6.75
C THR A 59 -21.04 -16.16 5.93
N ILE A 60 -20.28 -17.24 5.89
CA ILE A 60 -20.63 -18.45 5.16
C ILE A 60 -21.49 -19.42 5.97
N THR A 61 -21.23 -19.54 7.26
CA THR A 61 -21.93 -20.51 8.11
C THR A 61 -23.12 -19.88 8.82
N GLY A 62 -22.91 -18.67 9.33
CA GLY A 62 -23.99 -17.87 9.91
C GLY A 62 -24.26 -18.04 11.40
N PRO A 63 -23.23 -17.85 12.25
CA PRO A 63 -23.54 -17.73 13.67
C PRO A 63 -24.32 -16.43 13.89
N PRO A 64 -24.99 -16.29 15.05
CA PRO A 64 -25.92 -15.16 15.24
C PRO A 64 -25.33 -13.78 14.97
N GLN A 65 -24.07 -13.58 15.34
CA GLN A 65 -23.40 -12.29 15.10
C GLN A 65 -23.19 -11.98 13.60
N CYS A 66 -23.34 -12.97 12.72
CA CYS A 66 -23.20 -12.76 11.28
C CYS A 66 -24.54 -12.71 10.52
N ASP A 67 -25.66 -12.63 11.24
CA ASP A 67 -26.98 -12.66 10.62
C ASP A 67 -27.20 -11.56 9.58
N GLN A 68 -26.57 -10.41 9.76
CA GLN A 68 -26.71 -9.30 8.82
C GLN A 68 -25.64 -9.27 7.72
N PHE A 69 -24.81 -10.32 7.64
CA PHE A 69 -23.71 -10.36 6.68
C PHE A 69 -23.75 -11.63 5.82
N LEU A 70 -24.91 -12.25 5.71
CA LEU A 70 -25.04 -13.50 5.00
C LEU A 70 -24.97 -13.35 3.48
N GLU A 71 -25.25 -12.15 2.97
CA GLU A 71 -25.24 -11.91 1.52
C GLU A 71 -24.67 -10.54 1.15
N PHE A 72 -23.72 -10.06 1.91
CA PHE A 72 -23.19 -8.72 1.70
C PHE A 72 -22.56 -8.51 0.33
N SER A 73 -22.44 -7.24 -0.03
CA SER A 73 -21.83 -6.79 -1.26
C SER A 73 -20.83 -5.71 -0.84
N ALA A 74 -19.63 -5.71 -1.43
CA ALA A 74 -18.53 -4.85 -0.95
C ALA A 74 -17.39 -4.63 -1.95
N ASP A 75 -16.80 -3.43 -1.90
CA ASP A 75 -15.50 -3.14 -2.52
C ASP A 75 -14.41 -3.32 -1.46
N LEU A 76 -14.73 -3.01 -0.21
CA LEU A 76 -13.78 -3.03 0.89
C LEU A 76 -14.38 -3.77 2.09
N ILE A 77 -13.70 -4.82 2.53
CA ILE A 77 -14.15 -5.63 3.65
C ILE A 77 -13.19 -5.44 4.82
N ILE A 78 -13.73 -5.10 5.99
CA ILE A 78 -12.94 -4.84 7.19
C ILE A 78 -13.19 -5.87 8.30
N GLU A 79 -12.16 -6.64 8.62
CA GLU A 79 -12.17 -7.59 9.75
C GLU A 79 -11.71 -6.87 11.00
N ARG A 80 -12.29 -7.22 12.14
CA ARG A 80 -11.92 -6.63 13.42
C ARG A 80 -11.44 -7.72 14.36
N ARG A 81 -10.58 -7.34 15.31
CA ARG A 81 -10.05 -8.30 16.29
C ARG A 81 -11.16 -9.01 17.07
N GLU A 82 -12.24 -8.30 17.39
CA GLU A 82 -13.36 -8.87 18.12
C GLU A 82 -14.23 -9.83 17.29
N GLY A 83 -13.99 -9.92 15.98
CA GLY A 83 -14.77 -10.80 15.13
C GLY A 83 -14.60 -12.26 15.50
N SER A 84 -15.68 -13.03 15.46
CA SER A 84 -15.64 -14.47 15.70
C SER A 84 -16.41 -15.20 14.61
N ASP A 85 -15.83 -16.30 14.14
CA ASP A 85 -16.41 -17.11 13.08
C ASP A 85 -17.47 -18.08 13.59
N VAL A 86 -17.53 -18.30 14.90
CA VAL A 86 -18.27 -19.42 15.46
C VAL A 86 -19.23 -19.05 16.57
N CYS A 87 -20.18 -19.94 16.81
CA CYS A 87 -21.00 -19.88 18.00
C CYS A 87 -20.78 -21.17 18.77
N TYR A 88 -21.25 -22.31 18.25
CA TYR A 88 -20.81 -23.60 18.77
C TYR A 88 -19.32 -23.71 18.41
N PRO A 89 -18.45 -24.10 19.36
CA PRO A 89 -17.01 -23.97 19.06
C PRO A 89 -16.52 -24.91 17.94
N GLY A 90 -15.49 -24.48 17.21
CA GLY A 90 -14.95 -25.27 16.10
C GLY A 90 -14.05 -24.43 15.22
N LYS A 91 -13.61 -25.00 14.10
CA LYS A 91 -12.80 -24.23 13.14
C LYS A 91 -12.78 -24.84 11.75
N PHE A 92 -12.45 -24.00 10.76
CA PHE A 92 -12.31 -24.43 9.38
C PHE A 92 -10.97 -25.07 9.11
N VAL A 93 -10.95 -26.16 8.36
CA VAL A 93 -9.72 -26.66 7.77
C VAL A 93 -9.35 -25.72 6.60
N ASN A 94 -8.06 -25.46 6.42
CA ASN A 94 -7.58 -24.52 5.41
C ASN A 94 -8.21 -23.15 5.58
N GLU A 95 -8.18 -22.61 6.80
CA GLU A 95 -8.96 -21.43 7.14
C GLU A 95 -8.46 -20.18 6.42
N GLU A 96 -7.16 -19.98 6.36
CA GLU A 96 -6.62 -18.74 5.80
C GLU A 96 -6.79 -18.66 4.29
N ALA A 97 -6.65 -19.79 3.60
CA ALA A 97 -6.97 -19.83 2.18
C ALA A 97 -8.39 -19.32 1.94
N LEU A 98 -9.34 -19.81 2.73
CA LEU A 98 -10.73 -19.41 2.58
C LEU A 98 -10.96 -17.94 2.91
N ARG A 99 -10.25 -17.41 3.92
CA ARG A 99 -10.30 -15.98 4.21
C ARG A 99 -9.78 -15.16 3.04
N GLN A 100 -8.70 -15.62 2.41
CA GLN A 100 -8.13 -14.90 1.28
C GLN A 100 -9.12 -14.87 0.11
N ILE A 101 -9.82 -15.98 -0.10
CA ILE A 101 -10.86 -16.04 -1.13
C ILE A 101 -11.98 -15.03 -0.84
N LEU A 102 -12.46 -15.02 0.39
CA LEU A 102 -13.60 -14.18 0.75
C LEU A 102 -13.23 -12.69 0.77
N ARG A 103 -12.00 -12.36 1.15
CA ARG A 103 -11.52 -10.99 1.13
C ARG A 103 -11.55 -10.38 -0.28
N GLU A 104 -11.33 -11.21 -1.29
CA GLU A 104 -11.30 -10.75 -2.69
C GLU A 104 -12.63 -10.96 -3.43
N SER A 105 -13.64 -11.44 -2.73
CA SER A 105 -14.88 -11.93 -3.34
C SER A 105 -15.79 -10.86 -3.92
N GLY A 106 -15.71 -9.64 -3.40
CA GLY A 106 -16.74 -8.64 -3.68
C GLY A 106 -18.02 -8.90 -2.90
N GLY A 107 -17.96 -9.84 -1.96
CA GLY A 107 -19.15 -10.29 -1.25
C GLY A 107 -19.70 -11.61 -1.77
N ILE A 108 -20.80 -12.04 -1.16
CA ILE A 108 -21.38 -13.33 -1.45
C ILE A 108 -22.87 -13.26 -1.70
N ASP A 109 -23.32 -14.13 -2.61
CA ASP A 109 -24.70 -14.39 -2.91
C ASP A 109 -24.92 -15.83 -2.44
N LYS A 110 -26.10 -16.12 -1.88
CA LYS A 110 -26.42 -17.46 -1.36
C LYS A 110 -27.57 -18.09 -2.15
N GLU A 111 -27.48 -19.40 -2.39
CA GLU A 111 -28.57 -20.14 -3.02
C GLU A 111 -28.75 -21.49 -2.35
N THR A 112 -30.00 -21.90 -2.21
CA THR A 112 -30.34 -23.17 -1.56
C THR A 112 -29.67 -24.37 -2.23
N MET A 113 -29.20 -25.32 -1.41
CA MET A 113 -28.62 -26.55 -1.91
C MET A 113 -29.71 -27.49 -2.42
N GLY A 114 -30.94 -27.24 -1.99
CA GLY A 114 -32.08 -28.03 -2.41
C GLY A 114 -32.16 -29.38 -1.70
N PHE A 115 -31.51 -29.50 -0.54
CA PHE A 115 -31.54 -30.74 0.21
C PHE A 115 -32.82 -30.87 1.03
N THR A 116 -33.51 -32.00 0.85
CA THR A 116 -34.64 -32.38 1.68
C THR A 116 -34.30 -33.68 2.39
N TYR A 117 -34.92 -33.92 3.53
CA TYR A 117 -34.56 -35.04 4.41
C TYR A 117 -35.77 -35.82 4.86
N SER A 118 -35.61 -37.13 4.99
CA SER A 118 -36.60 -37.99 5.61
C SER A 118 -35.92 -39.04 6.49
N GLY A 119 -36.60 -39.46 7.54
CA GLY A 119 -36.08 -40.49 8.44
C GLY A 119 -35.09 -40.01 9.48
N ILE A 120 -34.86 -38.69 9.54
CA ILE A 120 -33.94 -38.08 10.51
C ILE A 120 -34.45 -36.70 10.93
N ARG A 121 -33.94 -36.19 12.05
CA ARG A 121 -34.27 -34.84 12.51
C ARG A 121 -33.31 -33.83 11.89
N THR A 122 -33.77 -32.60 11.76
CA THR A 122 -33.05 -31.57 11.01
C THR A 122 -32.78 -30.30 11.81
N ASN A 123 -33.19 -30.30 13.07
CA ASN A 123 -33.31 -29.08 13.87
C ASN A 123 -32.41 -29.05 15.12
N GLY A 124 -31.25 -29.68 15.05
CA GLY A 124 -30.29 -29.62 16.16
C GLY A 124 -30.03 -28.16 16.51
N ALA A 125 -30.02 -27.87 17.81
CA ALA A 125 -29.83 -26.52 18.31
C ALA A 125 -28.99 -26.55 19.58
N THR A 126 -28.44 -25.39 19.97
CA THR A 126 -27.58 -25.31 21.14
C THR A 126 -27.63 -23.94 21.81
N SER A 127 -27.38 -23.93 23.12
CA SER A 127 -27.33 -22.69 23.90
C SER A 127 -26.12 -21.81 23.55
N ALA A 128 -25.14 -22.38 22.85
CA ALA A 128 -24.00 -21.62 22.36
C ALA A 128 -24.35 -20.68 21.20
N CYS A 129 -25.44 -20.98 20.47
CA CYS A 129 -25.89 -20.14 19.37
C CYS A 129 -27.29 -19.62 19.68
N ARG A 130 -27.37 -18.46 20.36
CA ARG A 130 -28.68 -17.96 20.77
C ARG A 130 -29.29 -16.91 19.85
N ARG A 131 -30.56 -17.12 19.52
CA ARG A 131 -31.40 -16.14 18.85
C ARG A 131 -32.70 -16.10 19.63
N SER A 132 -32.69 -15.44 20.79
CA SER A 132 -33.81 -15.48 21.72
C SER A 132 -34.28 -16.92 21.88
N GLY A 133 -33.42 -17.73 22.48
CA GLY A 133 -33.61 -19.18 22.58
C GLY A 133 -32.47 -19.88 21.85
N SER A 134 -32.30 -21.17 22.14
CA SER A 134 -31.27 -21.98 21.52
C SER A 134 -31.48 -22.05 20.00
N SER A 135 -30.39 -22.07 19.25
CA SER A 135 -30.47 -22.04 17.79
C SER A 135 -29.20 -22.67 17.19
N PHE A 136 -28.85 -22.28 15.97
CA PHE A 136 -27.75 -22.92 15.25
C PHE A 136 -27.33 -22.05 14.06
N TYR A 137 -26.18 -22.37 13.48
CA TYR A 137 -25.71 -21.71 12.25
C TYR A 137 -26.82 -21.59 11.20
N ALA A 138 -27.13 -20.36 10.81
CA ALA A 138 -28.26 -20.08 9.91
C ALA A 138 -28.17 -20.75 8.54
N GLU A 139 -26.95 -21.03 8.07
CA GLU A 139 -26.74 -21.61 6.74
C GLU A 139 -26.53 -23.12 6.75
N MET A 140 -26.60 -23.73 7.92
CA MET A 140 -26.29 -25.16 8.07
C MET A 140 -27.43 -25.88 8.77
N LYS A 141 -27.45 -27.21 8.66
CA LYS A 141 -28.42 -28.01 9.41
C LYS A 141 -27.74 -29.14 10.18
N TRP A 142 -28.02 -29.17 11.48
CA TRP A 142 -27.50 -30.20 12.35
C TRP A 142 -28.41 -31.43 12.28
N LEU A 143 -27.98 -32.42 11.50
CA LEU A 143 -28.75 -33.63 11.27
C LEU A 143 -28.57 -34.62 12.42
N LEU A 144 -29.68 -35.05 13.00
CA LEU A 144 -29.69 -35.97 14.13
C LEU A 144 -30.53 -37.20 13.81
N SER A 145 -30.32 -38.27 14.57
CA SER A 145 -31.19 -39.44 14.48
C SER A 145 -32.56 -39.11 15.02
N ASN A 146 -33.59 -39.68 14.40
CA ASN A 146 -34.99 -39.33 14.70
C ASN A 146 -35.30 -39.25 16.20
N THR A 147 -34.77 -40.20 16.96
CA THR A 147 -34.90 -40.22 18.42
C THR A 147 -33.54 -40.52 19.08
N ASP A 148 -33.44 -40.27 20.38
CA ASP A 148 -32.23 -40.61 21.15
C ASP A 148 -31.75 -42.02 20.86
N ASN A 149 -30.43 -42.19 20.75
CA ASN A 149 -29.79 -43.49 20.51
C ASN A 149 -30.04 -44.16 19.16
N ALA A 150 -30.98 -43.65 18.36
CA ALA A 150 -31.38 -44.36 17.15
C ALA A 150 -30.29 -44.33 16.09
N ALA A 151 -30.24 -45.38 15.28
CA ALA A 151 -29.27 -45.47 14.19
C ALA A 151 -29.59 -44.44 13.11
N PHE A 152 -28.60 -43.61 12.79
CA PHE A 152 -28.72 -42.68 11.69
C PHE A 152 -28.59 -43.51 10.41
N PRO A 153 -29.44 -43.26 9.39
CA PRO A 153 -29.38 -44.09 8.20
C PRO A 153 -28.24 -43.70 7.26
N GLN A 154 -27.72 -44.66 6.50
CA GLN A 154 -26.69 -44.37 5.51
C GLN A 154 -27.28 -43.49 4.41
N MET A 155 -26.77 -42.27 4.29
CA MET A 155 -27.37 -41.27 3.43
C MET A 155 -26.44 -40.77 2.34
N THR A 156 -27.05 -40.41 1.22
CA THR A 156 -26.34 -39.76 0.13
C THR A 156 -27.14 -38.54 -0.32
N LYS A 157 -26.44 -37.42 -0.52
CA LYS A 157 -27.06 -36.18 -0.97
C LYS A 157 -26.17 -35.55 -2.02
N SER A 158 -26.80 -35.09 -3.11
CA SER A 158 -26.08 -34.61 -4.27
C SER A 158 -26.49 -33.18 -4.62
N TYR A 159 -25.52 -32.38 -5.06
CA TYR A 159 -25.80 -31.03 -5.57
C TYR A 159 -24.96 -30.73 -6.79
N LYS A 160 -25.62 -30.37 -7.89
CA LYS A 160 -24.94 -29.95 -9.10
C LYS A 160 -24.91 -28.43 -9.17
N ASN A 161 -23.75 -27.88 -9.47
CA ASN A 161 -23.62 -26.45 -9.72
C ASN A 161 -24.07 -26.13 -11.15
N THR A 162 -25.29 -25.62 -11.29
CA THR A 162 -25.82 -25.25 -12.61
C THR A 162 -25.54 -23.79 -13.01
N ARG A 163 -24.66 -23.10 -12.29
CA ARG A 163 -24.31 -21.72 -12.59
C ARG A 163 -22.96 -21.62 -13.32
N LYS A 164 -22.66 -20.45 -13.87
CA LYS A 164 -21.44 -20.26 -14.66
C LYS A 164 -20.19 -20.00 -13.84
N ASP A 165 -20.35 -19.81 -12.54
CA ASP A 165 -19.20 -19.60 -11.65
C ASP A 165 -19.11 -20.73 -10.63
N PRO A 166 -17.90 -20.95 -10.07
CA PRO A 166 -17.74 -21.97 -9.04
C PRO A 166 -18.60 -21.69 -7.80
N ALA A 167 -19.11 -22.75 -7.19
CA ALA A 167 -19.86 -22.63 -5.96
C ALA A 167 -18.97 -22.98 -4.77
N LEU A 168 -19.04 -22.17 -3.72
CA LEU A 168 -18.38 -22.47 -2.45
C LEU A 168 -19.33 -23.33 -1.61
N ILE A 169 -18.91 -24.56 -1.34
CA ILE A 169 -19.68 -25.54 -0.61
C ILE A 169 -18.99 -25.79 0.74
N ILE A 170 -19.76 -25.72 1.82
CA ILE A 170 -19.25 -25.96 3.18
C ILE A 170 -19.99 -27.11 3.81
N TRP A 171 -19.33 -27.81 4.72
CA TRP A 171 -19.99 -28.78 5.58
C TRP A 171 -19.24 -28.87 6.90
N GLY A 172 -19.81 -29.58 7.86
CA GLY A 172 -19.19 -29.75 9.16
C GLY A 172 -19.24 -31.17 9.69
N ILE A 173 -18.23 -31.54 10.45
CA ILE A 173 -18.20 -32.83 11.13
C ILE A 173 -18.26 -32.54 12.62
N HIS A 174 -19.23 -33.15 13.31
CA HIS A 174 -19.41 -32.87 14.72
C HIS A 174 -18.61 -33.88 15.55
N HIS A 175 -17.78 -33.35 16.45
CA HIS A 175 -17.07 -34.17 17.42
C HIS A 175 -17.66 -33.89 18.80
N SER A 176 -18.50 -34.81 19.27
CA SER A 176 -19.11 -34.65 20.58
C SER A 176 -18.04 -34.72 21.67
N GLY A 177 -18.37 -34.20 22.85
CA GLY A 177 -17.46 -34.20 23.98
C GLY A 177 -17.24 -35.58 24.59
N SER A 178 -18.01 -36.56 24.12
CA SER A 178 -17.90 -37.93 24.62
C SER A 178 -18.50 -38.92 23.62
N THR A 179 -18.10 -40.18 23.74
CA THR A 179 -18.62 -41.23 22.87
C THR A 179 -20.12 -41.45 23.13
N THR A 180 -20.54 -41.30 24.39
CA THR A 180 -21.94 -41.51 24.74
C THR A 180 -22.83 -40.46 24.07
N GLU A 181 -22.39 -39.20 24.10
CA GLU A 181 -23.09 -38.15 23.38
C GLU A 181 -23.18 -38.43 21.88
N GLN A 182 -22.11 -38.97 21.29
CA GLN A 182 -22.11 -39.31 19.87
C GLN A 182 -23.18 -40.36 19.58
N THR A 183 -23.31 -41.35 20.46
CA THR A 183 -24.32 -42.39 20.26
C THR A 183 -25.73 -41.83 20.43
N LYS A 184 -25.95 -41.05 21.49
CA LYS A 184 -27.24 -40.39 21.73
C LYS A 184 -27.74 -39.55 20.54
N LEU A 185 -26.83 -38.83 19.87
CA LEU A 185 -27.20 -37.98 18.75
C LEU A 185 -27.35 -38.74 17.43
N TYR A 186 -26.46 -39.70 17.16
CA TYR A 186 -26.38 -40.35 15.86
C TYR A 186 -26.43 -41.88 15.90
N GLY A 187 -26.64 -42.46 17.08
CA GLY A 187 -26.58 -43.91 17.25
C GLY A 187 -25.16 -44.43 17.33
N SER A 188 -24.99 -45.65 17.82
CA SER A 188 -23.65 -46.24 17.99
C SER A 188 -22.98 -46.58 16.67
N GLY A 189 -21.71 -46.97 16.74
CA GLY A 189 -20.94 -47.38 15.57
C GLY A 189 -19.92 -46.34 15.16
N ASN A 190 -18.89 -46.77 14.42
CA ASN A 190 -17.86 -45.85 13.93
C ASN A 190 -18.36 -45.15 12.65
N LYS A 191 -18.56 -43.85 12.74
CA LYS A 191 -19.25 -43.11 11.70
C LYS A 191 -18.29 -42.77 10.57
N LEU A 192 -18.85 -42.33 9.45
CA LEU A 192 -18.06 -42.02 8.26
C LEU A 192 -18.78 -40.96 7.40
N ILE A 193 -18.00 -40.04 6.85
CA ILE A 193 -18.49 -39.09 5.87
C ILE A 193 -17.49 -39.02 4.73
N THR A 194 -17.94 -39.34 3.52
CA THR A 194 -17.11 -39.10 2.32
C THR A 194 -17.69 -37.97 1.48
N VAL A 195 -16.80 -37.27 0.79
CA VAL A 195 -17.16 -36.14 -0.07
C VAL A 195 -16.26 -36.17 -1.29
N GLY A 196 -16.87 -36.19 -2.47
CA GLY A 196 -16.12 -36.16 -3.72
C GLY A 196 -16.76 -35.30 -4.80
N SER A 197 -15.92 -34.65 -5.59
CA SER A 197 -16.31 -34.06 -6.87
C SER A 197 -15.38 -34.59 -7.97
N SER A 198 -15.55 -34.11 -9.19
CA SER A 198 -14.63 -34.49 -10.28
C SER A 198 -13.19 -33.98 -10.04
N ASN A 199 -13.07 -33.04 -9.10
CA ASN A 199 -11.84 -32.33 -8.80
C ASN A 199 -11.26 -32.67 -7.43
N TYR A 200 -12.08 -33.30 -6.58
CA TYR A 200 -11.85 -33.33 -5.14
C TYR A 200 -12.19 -34.70 -4.58
N GLN A 201 -11.47 -35.10 -3.53
CA GLN A 201 -11.47 -36.46 -3.06
C GLN A 201 -10.96 -36.50 -1.61
N GLN A 202 -11.88 -36.74 -0.66
CA GLN A 202 -11.52 -36.66 0.77
C GLN A 202 -12.59 -37.26 1.70
N SER A 203 -12.13 -37.76 2.85
CA SER A 203 -13.00 -38.50 3.76
C SER A 203 -12.82 -38.03 5.19
N PHE A 204 -13.74 -38.47 6.06
CA PHE A 204 -13.82 -37.99 7.44
C PHE A 204 -14.49 -39.05 8.31
N VAL A 205 -13.83 -39.36 9.42
CA VAL A 205 -14.35 -40.22 10.47
C VAL A 205 -14.29 -39.37 11.73
N PRO A 206 -15.39 -39.31 12.51
CA PRO A 206 -15.36 -38.44 13.68
C PRO A 206 -14.53 -39.02 14.82
N SER A 207 -14.01 -38.15 15.67
CA SER A 207 -13.32 -38.53 16.90
C SER A 207 -13.88 -37.79 18.13
N PRO A 208 -14.85 -38.39 18.84
CA PRO A 208 -15.35 -37.78 20.09
C PRO A 208 -14.37 -37.90 21.27
N GLY A 209 -14.52 -37.02 22.25
CA GLY A 209 -13.60 -36.91 23.39
C GLY A 209 -13.69 -35.55 24.05
N ALA A 210 -13.28 -35.46 25.32
CA ALA A 210 -13.42 -34.21 26.07
C ALA A 210 -12.42 -33.15 25.64
N ARG A 211 -12.90 -32.05 25.04
CA ARG A 211 -12.10 -30.82 24.85
C ARG A 211 -12.45 -29.82 25.97
N PRO A 212 -11.56 -28.85 26.26
CA PRO A 212 -11.93 -27.88 27.29
C PRO A 212 -13.12 -27.04 26.82
N GLN A 213 -13.95 -26.59 27.76
CA GLN A 213 -15.18 -25.90 27.41
C GLN A 213 -14.92 -24.56 26.74
N VAL A 214 -15.53 -24.36 25.57
CA VAL A 214 -15.52 -23.08 24.87
C VAL A 214 -16.98 -22.74 24.55
N ASN A 215 -17.38 -21.50 24.86
CA ASN A 215 -18.79 -21.10 24.81
C ASN A 215 -19.69 -22.12 25.50
N GLY A 216 -19.20 -22.68 26.61
CA GLY A 216 -19.94 -23.68 27.38
C GLY A 216 -20.03 -25.08 26.81
N GLN A 217 -19.21 -25.40 25.80
CA GLN A 217 -19.31 -26.69 25.08
C GLN A 217 -17.96 -27.41 25.00
N SER A 218 -17.96 -28.71 25.28
CA SER A 218 -16.74 -29.52 25.20
C SER A 218 -16.63 -30.27 23.87
N GLY A 219 -17.68 -30.19 23.05
CA GLY A 219 -17.63 -30.76 21.71
C GLY A 219 -17.09 -29.74 20.72
N ARG A 220 -16.80 -30.20 19.50
CA ARG A 220 -16.32 -29.34 18.44
C ARG A 220 -16.96 -29.71 17.10
N ILE A 221 -17.00 -28.75 16.19
CA ILE A 221 -17.35 -29.02 14.80
C ILE A 221 -16.14 -28.70 13.90
N ASP A 222 -15.69 -29.69 13.12
CA ASP A 222 -14.73 -29.43 12.04
C ASP A 222 -15.49 -28.94 10.79
N PHE A 223 -15.34 -27.68 10.40
CA PHE A 223 -15.87 -27.18 9.13
C PHE A 223 -14.88 -27.38 7.99
N HIS A 224 -15.39 -27.75 6.82
CA HIS A 224 -14.59 -28.04 5.63
C HIS A 224 -15.19 -27.31 4.42
N TRP A 225 -14.37 -27.03 3.40
CA TRP A 225 -14.87 -26.37 2.19
C TRP A 225 -14.25 -26.83 0.88
N LEU A 226 -15.00 -26.65 -0.22
CA LEU A 226 -14.49 -26.86 -1.57
C LEU A 226 -15.20 -25.95 -2.57
N MET A 227 -14.50 -25.61 -3.66
CA MET A 227 -15.08 -24.87 -4.78
C MET A 227 -15.57 -25.86 -5.82
N LEU A 228 -16.87 -25.82 -6.09
CA LEU A 228 -17.51 -26.73 -7.03
C LEU A 228 -17.62 -26.06 -8.40
N ASN A 229 -16.93 -26.61 -9.39
CA ASN A 229 -16.92 -26.01 -10.72
C ASN A 229 -18.28 -26.09 -11.42
N PRO A 230 -18.53 -25.15 -12.36
CA PRO A 230 -19.74 -25.12 -13.19
C PRO A 230 -20.07 -26.48 -13.80
N ASN A 231 -21.30 -26.94 -13.57
CA ASN A 231 -21.80 -28.23 -14.06
C ASN A 231 -21.00 -29.45 -13.58
N ASP A 232 -20.41 -29.32 -12.38
CA ASP A 232 -19.84 -30.45 -11.65
C ASP A 232 -20.77 -30.75 -10.48
N THR A 233 -20.71 -31.96 -9.95
CA THR A 233 -21.56 -32.40 -8.85
C THR A 233 -20.72 -32.77 -7.62
N VAL A 234 -21.18 -32.38 -6.43
CA VAL A 234 -20.65 -32.88 -5.16
C VAL A 234 -21.62 -33.87 -4.56
N THR A 235 -21.10 -34.98 -4.07
CA THR A 235 -21.89 -35.99 -3.38
C THR A 235 -21.42 -36.13 -1.94
N PHE A 236 -22.38 -36.08 -1.02
CA PHE A 236 -22.12 -36.27 0.40
C PHE A 236 -22.69 -37.62 0.79
N SER A 237 -21.81 -38.56 1.10
CA SER A 237 -22.23 -39.84 1.63
C SER A 237 -21.84 -39.87 3.11
N PHE A 238 -22.85 -39.87 3.97
CA PHE A 238 -22.63 -39.77 5.39
C PHE A 238 -23.59 -40.65 6.15
N ASN A 239 -23.21 -40.93 7.38
CA ASN A 239 -23.91 -41.87 8.22
C ASN A 239 -23.86 -41.38 9.68
N GLY A 240 -23.91 -40.06 9.83
CA GLY A 240 -23.93 -39.39 11.13
C GLY A 240 -22.84 -38.36 11.30
N ALA A 241 -22.94 -37.61 12.40
CA ALA A 241 -21.95 -36.59 12.80
C ALA A 241 -21.69 -35.54 11.70
N PHE A 242 -22.70 -35.28 10.89
CA PHE A 242 -22.56 -34.44 9.69
C PHE A 242 -23.41 -33.18 9.84
N ILE A 243 -22.78 -32.03 9.67
CA ILE A 243 -23.44 -30.74 9.67
C ILE A 243 -23.60 -30.35 8.21
N ALA A 244 -24.83 -30.43 7.71
CA ALA A 244 -25.08 -30.30 6.27
C ALA A 244 -25.25 -28.85 5.87
N PRO A 245 -24.74 -28.48 4.68
CA PRO A 245 -25.01 -27.12 4.19
C PRO A 245 -26.45 -27.00 3.72
N ASP A 246 -27.09 -25.88 4.07
CA ASP A 246 -28.42 -25.56 3.57
C ASP A 246 -28.34 -24.72 2.29
N ARG A 247 -27.28 -23.93 2.16
CA ARG A 247 -27.08 -23.06 1.01
C ARG A 247 -25.64 -23.06 0.51
N ALA A 248 -25.49 -22.89 -0.81
CA ALA A 248 -24.21 -22.69 -1.44
C ALA A 248 -23.93 -21.20 -1.52
N SER A 249 -22.65 -20.83 -1.52
CA SER A 249 -22.23 -19.44 -1.69
C SER A 249 -21.60 -19.21 -3.07
N PHE A 250 -21.86 -18.03 -3.62
CA PHE A 250 -21.28 -17.58 -4.89
C PHE A 250 -20.62 -16.22 -4.71
N LEU A 251 -19.47 -16.03 -5.36
CA LEU A 251 -18.70 -14.80 -5.20
C LEU A 251 -19.30 -13.78 -6.16
N ARG A 252 -19.39 -12.53 -5.71
CA ARG A 252 -20.06 -11.50 -6.49
C ARG A 252 -19.18 -10.80 -7.51
N GLY A 253 -17.90 -10.62 -7.17
CA GLY A 253 -17.00 -9.93 -8.07
C GLY A 253 -15.62 -9.72 -7.50
N LYS A 254 -15.27 -8.47 -7.20
CA LYS A 254 -13.93 -8.11 -6.71
C LYS A 254 -14.00 -7.19 -5.50
N SER A 255 -13.08 -7.39 -4.58
CA SER A 255 -12.94 -6.52 -3.42
C SER A 255 -11.53 -6.64 -2.88
N MET A 256 -11.27 -5.84 -1.87
CA MET A 256 -10.06 -5.95 -1.09
C MET A 256 -10.47 -6.12 0.36
N GLY A 257 -9.72 -6.94 1.09
CA GLY A 257 -9.97 -7.17 2.52
C GLY A 257 -8.82 -6.64 3.37
N ILE A 258 -9.16 -5.97 4.47
CA ILE A 258 -8.16 -5.48 5.40
C ILE A 258 -8.49 -5.87 6.84
N GLN A 259 -7.50 -5.73 7.71
CA GLN A 259 -7.67 -5.91 9.15
C GLN A 259 -7.30 -4.60 9.81
N SER A 260 -8.16 -4.07 10.66
CA SER A 260 -7.92 -2.76 11.24
C SER A 260 -8.49 -2.60 12.63
N SER A 261 -7.94 -1.64 13.37
CA SER A 261 -8.43 -1.30 14.71
C SER A 261 -8.97 0.13 14.80
N VAL A 262 -9.16 0.80 13.67
CA VAL A 262 -9.60 2.20 13.69
C VAL A 262 -10.91 2.41 12.93
N GLN A 263 -11.55 3.52 13.21
CA GLN A 263 -12.88 3.83 12.67
C GLN A 263 -12.87 4.12 11.18
N VAL A 264 -14.00 3.80 10.55
CA VAL A 264 -14.22 4.15 9.15
C VAL A 264 -14.45 5.66 9.06
N ASP A 265 -14.03 6.25 7.95
CA ASP A 265 -14.25 7.68 7.69
C ASP A 265 -14.56 7.88 6.21
N ALA A 266 -15.77 8.36 5.92
CA ALA A 266 -16.22 8.56 4.55
C ALA A 266 -15.93 9.98 4.03
N ASN A 267 -15.18 10.74 4.82
CA ASN A 267 -14.77 12.10 4.47
C ASN A 267 -13.39 12.16 3.84
N CYS A 268 -12.60 11.08 3.99
CA CYS A 268 -11.29 10.98 3.36
C CYS A 268 -11.25 9.76 2.42
N GLU A 269 -10.40 9.84 1.42
CA GLU A 269 -10.21 8.77 0.46
C GLU A 269 -8.74 8.33 0.46
N GLY A 270 -8.52 7.03 0.32
CA GLY A 270 -7.18 6.47 0.22
C GLY A 270 -7.26 5.03 -0.26
N ASP A 271 -6.14 4.53 -0.77
CA ASP A 271 -6.07 3.18 -1.32
C ASP A 271 -4.99 2.31 -0.66
N CYS A 272 -4.33 2.85 0.35
CA CYS A 272 -3.30 2.14 1.09
C CYS A 272 -3.71 2.07 2.56
N TYR A 273 -3.92 0.84 3.03
CA TYR A 273 -4.50 0.58 4.33
C TYR A 273 -3.60 -0.32 5.18
N HIS A 274 -3.61 -0.10 6.48
CA HIS A 274 -2.97 -1.00 7.43
C HIS A 274 -3.80 -0.97 8.73
N SER A 275 -3.39 -1.76 9.73
CA SER A 275 -4.24 -1.89 10.92
C SER A 275 -4.44 -0.58 11.64
N GLY A 276 -3.46 0.31 11.54
CA GLY A 276 -3.52 1.61 12.20
C GLY A 276 -4.15 2.73 11.39
N GLY A 277 -4.60 2.45 10.16
CA GLY A 277 -5.29 3.46 9.37
C GLY A 277 -4.96 3.47 7.89
N THR A 278 -4.81 4.66 7.34
CA THR A 278 -4.68 4.86 5.91
C THR A 278 -3.46 5.71 5.63
N ILE A 279 -2.65 5.30 4.67
CA ILE A 279 -1.51 6.08 4.25
C ILE A 279 -1.96 6.86 3.03
N ILE A 280 -2.16 8.16 3.20
CA ILE A 280 -2.54 9.04 2.11
C ILE A 280 -1.31 9.83 1.73
N SER A 281 -0.84 9.63 0.51
CA SER A 281 0.44 10.17 0.10
C SER A 281 0.64 9.97 -1.38
N ASN A 282 1.38 10.88 -2.00
CA ASN A 282 1.86 10.68 -3.37
C ASN A 282 3.36 10.38 -3.39
N LEU A 283 3.97 10.27 -2.21
CA LEU A 283 5.41 10.02 -2.11
C LEU A 283 5.71 8.57 -2.48
N PRO A 284 6.89 8.32 -3.07
CA PRO A 284 7.22 6.95 -3.52
C PRO A 284 7.45 5.92 -2.39
N PHE A 285 7.87 6.37 -1.22
CA PHE A 285 8.18 5.46 -0.12
C PHE A 285 7.43 5.83 1.15
N GLN A 286 7.34 4.85 2.06
CA GLN A 286 6.75 5.06 3.38
C GLN A 286 7.47 4.22 4.42
N ASN A 287 7.49 4.71 5.66
CA ASN A 287 8.16 4.03 6.79
C ASN A 287 7.15 3.86 7.92
N ILE A 288 5.89 3.66 7.56
CA ILE A 288 4.79 3.56 8.52
C ILE A 288 4.47 2.10 8.90
N ASN A 289 4.34 1.23 7.90
CA ASN A 289 3.93 -0.15 8.17
C ASN A 289 4.30 -1.04 6.99
N SER A 290 5.17 -2.01 7.24
CA SER A 290 5.63 -2.93 6.20
C SER A 290 4.54 -3.86 5.66
N ARG A 291 3.42 -3.97 6.37
CA ARG A 291 2.35 -4.86 5.95
C ARG A 291 1.15 -4.11 5.38
N ALA A 292 1.32 -2.83 5.05
CA ALA A 292 0.25 -2.06 4.40
C ALA A 292 -0.14 -2.76 3.12
N VAL A 293 -1.44 -2.70 2.78
CA VAL A 293 -1.96 -3.34 1.58
C VAL A 293 -2.79 -2.36 0.76
N GLY A 294 -3.06 -2.76 -0.47
CA GLY A 294 -3.75 -1.93 -1.43
C GLY A 294 -2.74 -1.39 -2.41
N LYS A 295 -2.86 -0.10 -2.73
CA LYS A 295 -1.97 0.55 -3.67
C LYS A 295 -1.15 1.51 -2.84
N CYS A 296 0.10 1.15 -2.59
CA CYS A 296 0.89 1.78 -1.55
C CYS A 296 2.23 2.29 -2.06
N PRO A 297 2.80 3.31 -1.38
CA PRO A 297 4.24 3.58 -1.48
C PRO A 297 5.01 2.38 -0.96
N ARG A 298 6.19 2.13 -1.51
CA ARG A 298 7.02 1.01 -1.05
C ARG A 298 7.50 1.26 0.36
N TYR A 299 7.42 0.23 1.20
CA TYR A 299 7.98 0.33 2.55
C TYR A 299 9.51 0.31 2.49
N VAL A 300 10.13 1.23 3.23
CA VAL A 300 11.58 1.26 3.40
C VAL A 300 11.92 1.44 4.89
N LYS A 301 13.15 1.07 5.26
CA LYS A 301 13.61 1.15 6.65
C LYS A 301 13.94 2.58 7.10
N GLN A 302 14.28 3.45 6.16
CA GLN A 302 14.71 4.81 6.50
C GLN A 302 13.51 5.69 6.88
N GLU A 303 13.71 6.51 7.90
CA GLU A 303 12.70 7.46 8.34
C GLU A 303 12.58 8.65 7.39
N SER A 304 13.69 9.02 6.75
CA SER A 304 13.70 10.18 5.86
C SER A 304 14.77 10.06 4.78
N LEU A 305 14.41 10.45 3.55
CA LEU A 305 15.35 10.53 2.45
C LEU A 305 15.04 11.80 1.67
N MET A 306 15.80 12.85 1.95
CA MET A 306 15.54 14.15 1.35
C MET A 306 16.08 14.27 -0.08
N LEU A 307 15.20 14.68 -0.98
CA LEU A 307 15.54 14.91 -2.37
C LEU A 307 15.80 16.40 -2.60
N ALA A 308 17.01 16.71 -3.06
CA ALA A 308 17.39 18.08 -3.38
C ALA A 308 16.53 18.65 -4.51
N THR A 309 15.99 19.85 -4.29
CA THR A 309 15.23 20.57 -5.31
C THR A 309 15.86 21.94 -5.58
N GLY A 310 17.12 22.10 -5.18
CA GLY A 310 17.85 23.34 -5.38
C GLY A 310 19.33 23.08 -5.49
N MET A 311 20.06 24.14 -5.82
CA MET A 311 21.51 24.08 -5.93
C MET A 311 22.17 23.97 -4.55
N LYS A 312 23.45 23.68 -4.53
CA LYS A 312 24.21 23.72 -3.29
C LYS A 312 24.13 25.12 -2.68
N ASN A 313 23.93 25.18 -1.37
CA ASN A 313 23.81 26.46 -0.67
C ASN A 313 25.18 26.90 -0.19
N VAL A 314 25.63 28.06 -0.67
CA VAL A 314 26.94 28.61 -0.32
C VAL A 314 26.75 30.03 0.22
N PRO A 315 26.50 30.17 1.53
CA PRO A 315 26.36 31.49 2.12
C PRO A 315 27.72 32.14 2.37
N GLU A 316 27.74 33.47 2.43
CA GLU A 316 28.98 34.21 2.64
C GLU A 316 29.54 33.95 4.05
N ILE A 317 28.79 33.90 5.03
N GLY B 1 31.21 20.90 -7.12
CA GLY B 1 30.47 20.39 -8.31
C GLY B 1 31.40 20.05 -9.45
N LEU B 2 30.87 19.37 -10.48
CA LEU B 2 31.67 18.98 -11.64
C LEU B 2 32.16 20.17 -12.47
N PHE B 3 31.42 21.26 -12.48
CA PHE B 3 31.75 22.40 -13.34
C PHE B 3 32.49 23.53 -12.63
N GLY B 4 32.69 23.39 -11.32
CA GLY B 4 33.61 24.26 -10.57
C GLY B 4 33.25 25.74 -10.53
N ALA B 5 31.97 26.06 -10.66
CA ALA B 5 31.50 27.44 -10.64
C ALA B 5 30.83 27.73 -9.29
N ILE B 6 29.75 27.03 -9.01
CA ILE B 6 29.06 27.13 -7.72
C ILE B 6 29.90 26.42 -6.66
N ALA B 7 30.17 27.12 -5.56
CA ALA B 7 31.12 26.66 -4.55
C ALA B 7 32.50 26.38 -5.17
N GLY B 8 32.79 27.08 -6.26
CA GLY B 8 34.04 26.96 -6.99
C GLY B 8 34.63 28.35 -7.16
N PHE B 9 34.86 28.77 -8.40
CA PHE B 9 35.46 30.09 -8.63
C PHE B 9 34.55 31.24 -8.18
N ILE B 10 33.23 31.06 -8.27
CA ILE B 10 32.31 31.98 -7.61
C ILE B 10 32.36 31.68 -6.12
N GLU B 11 32.87 32.65 -5.36
CA GLU B 11 33.13 32.50 -3.93
C GLU B 11 31.89 32.05 -3.15
N ASN B 12 30.77 32.73 -3.36
CA ASN B 12 29.54 32.43 -2.63
C ASN B 12 28.30 32.97 -3.32
N GLY B 13 27.14 32.53 -2.85
CA GLY B 13 25.86 32.95 -3.41
C GLY B 13 25.38 34.26 -2.84
N TRP B 14 24.33 34.81 -3.44
CA TRP B 14 23.75 36.08 -3.02
C TRP B 14 22.41 35.87 -2.35
N GLU B 15 22.33 36.20 -1.06
CA GLU B 15 21.07 36.15 -0.32
C GLU B 15 20.08 37.21 -0.81
N GLY B 16 20.59 38.32 -1.33
CA GLY B 16 19.77 39.37 -1.90
C GLY B 16 19.08 39.00 -3.21
N LEU B 17 19.62 38.01 -3.92
CA LEU B 17 19.03 37.56 -5.18
C LEU B 17 17.78 36.71 -4.90
N ILE B 18 16.64 37.39 -4.79
CA ILE B 18 15.36 36.74 -4.48
C ILE B 18 14.45 36.63 -5.71
N ASP B 19 14.95 37.10 -6.86
CA ASP B 19 14.14 37.20 -8.08
C ASP B 19 14.34 36.00 -8.99
N GLY B 20 15.50 35.36 -8.89
CA GLY B 20 15.79 34.15 -9.66
C GLY B 20 16.89 33.31 -9.02
N TRP B 21 17.35 32.30 -9.76
CA TRP B 21 18.41 31.40 -9.29
C TRP B 21 19.79 31.93 -9.65
N TYR B 22 19.92 32.43 -10.88
CA TYR B 22 21.17 33.02 -11.37
C TYR B 22 20.92 34.45 -11.82
N GLY B 23 21.91 35.32 -11.62
CA GLY B 23 21.73 36.74 -11.94
C GLY B 23 23.02 37.50 -12.17
N PHE B 24 22.87 38.78 -12.48
CA PHE B 24 23.97 39.69 -12.75
C PHE B 24 24.06 40.76 -11.66
N ARG B 25 25.29 41.09 -11.27
CA ARG B 25 25.57 42.20 -10.36
C ARG B 25 26.67 43.04 -10.97
N HIS B 26 26.39 44.33 -11.21
CA HIS B 26 27.31 45.19 -11.95
C HIS B 26 27.84 46.37 -11.13
N GLN B 27 28.92 46.95 -11.62
CA GLN B 27 29.50 48.17 -11.04
C GLN B 27 29.87 49.12 -12.17
N ASN B 28 29.33 50.34 -12.12
CA ASN B 28 29.61 51.37 -13.13
C ASN B 28 29.55 52.77 -12.53
N ALA B 29 29.70 53.79 -13.36
CA ALA B 29 29.62 55.18 -12.92
C ALA B 29 28.30 55.49 -12.22
N GLN B 30 27.22 54.85 -12.68
CA GLN B 30 25.88 55.09 -12.13
C GLN B 30 25.62 54.37 -10.80
N GLY B 31 26.48 53.42 -10.44
CA GLY B 31 26.39 52.73 -9.15
C GLY B 31 26.39 51.21 -9.28
N GLU B 32 25.61 50.55 -8.42
CA GLU B 32 25.51 49.09 -8.42
C GLU B 32 24.06 48.66 -8.63
N GLY B 33 23.87 47.49 -9.25
CA GLY B 33 22.53 46.97 -9.52
C GLY B 33 22.50 45.45 -9.72
N THR B 34 21.40 44.83 -9.31
CA THR B 34 21.27 43.37 -9.38
C THR B 34 20.01 42.96 -10.15
N ALA B 35 20.15 41.97 -11.03
CA ALA B 35 19.02 41.47 -11.81
C ALA B 35 19.16 39.98 -12.07
N ALA B 36 18.05 39.24 -11.99
CA ALA B 36 18.04 37.80 -12.20
C ALA B 36 17.99 37.45 -13.69
N ASP B 37 18.55 36.29 -14.06
CA ASP B 37 18.50 35.79 -15.43
C ASP B 37 17.36 34.78 -15.54
N TYR B 38 16.42 35.05 -16.44
CA TYR B 38 15.22 34.24 -16.58
C TYR B 38 15.49 32.88 -17.22
N LYS B 39 16.23 32.87 -18.33
CA LYS B 39 16.46 31.63 -19.10
C LYS B 39 17.19 30.55 -18.30
N SER B 40 18.30 30.91 -17.66
CA SER B 40 19.09 29.97 -16.87
C SER B 40 18.31 29.47 -15.67
N THR B 41 17.64 30.39 -14.97
CA THR B 41 16.79 30.04 -13.83
C THR B 41 15.70 29.06 -14.25
N GLN B 42 15.06 29.34 -15.39
CA GLN B 42 13.92 28.55 -15.84
C GLN B 42 14.34 27.16 -16.31
N SER B 43 15.52 27.06 -16.93
CA SER B 43 16.04 25.78 -17.37
C SER B 43 16.31 24.86 -16.18
N ALA B 44 16.92 25.39 -15.14
CA ALA B 44 17.18 24.63 -13.92
C ALA B 44 15.88 24.22 -13.24
N ILE B 45 14.94 25.15 -13.10
CA ILE B 45 13.66 24.87 -12.46
C ILE B 45 12.87 23.80 -13.23
N ASP B 46 12.80 23.93 -14.55
CA ASP B 46 12.08 22.95 -15.37
C ASP B 46 12.67 21.54 -15.27
N GLN B 47 13.99 21.45 -15.14
CA GLN B 47 14.65 20.16 -15.03
C GLN B 47 14.41 19.50 -13.66
N ILE B 48 14.47 20.30 -12.60
CA ILE B 48 14.14 19.80 -11.26
C ILE B 48 12.68 19.40 -11.19
N THR B 49 11.80 20.24 -11.75
CA THR B 49 10.38 19.93 -11.82
C THR B 49 10.12 18.61 -12.54
N GLY B 50 10.89 18.35 -13.59
CA GLY B 50 10.79 17.10 -14.34
C GLY B 50 11.15 15.87 -13.53
N LYS B 51 12.19 15.99 -12.72
CA LYS B 51 12.58 14.93 -11.79
C LYS B 51 11.46 14.59 -10.80
N LEU B 52 10.83 15.64 -10.26
CA LEU B 52 9.76 15.49 -9.28
C LEU B 52 8.53 14.84 -9.90
N ASN B 53 8.21 15.23 -11.12
CA ASN B 53 7.12 14.62 -11.86
C ASN B 53 7.31 13.13 -12.04
N ARG B 54 8.56 12.70 -12.22
CA ARG B 54 8.87 11.28 -12.35
C ARG B 54 8.79 10.53 -11.03
N LEU B 55 9.36 11.11 -9.98
CA LEU B 55 9.54 10.40 -8.71
C LEU B 55 8.31 10.44 -7.81
N ILE B 56 7.68 11.60 -7.71
CA ILE B 56 6.57 11.79 -6.77
C ILE B 56 5.32 11.11 -7.33
N GLU B 57 5.25 9.80 -7.10
CA GLU B 57 4.08 8.99 -7.40
C GLU B 57 4.29 7.60 -6.80
N LYS B 58 3.20 6.84 -6.71
CA LYS B 58 3.26 5.40 -6.47
C LYS B 58 2.56 4.70 -7.63
N THR B 59 2.82 3.42 -7.80
CA THR B 59 2.26 2.64 -8.90
C THR B 59 0.80 2.27 -8.65
N ASN B 60 0.13 1.81 -9.71
CA ASN B 60 -1.24 1.29 -9.60
C ASN B 60 -1.23 -0.21 -9.27
N GLN B 61 -0.12 -0.68 -8.70
CA GLN B 61 0.07 -2.10 -8.39
C GLN B 61 -0.55 -2.42 -7.03
N GLN B 62 -1.60 -3.22 -7.06
CA GLN B 62 -2.28 -3.62 -5.85
C GLN B 62 -1.65 -4.87 -5.25
N PHE B 63 -1.47 -4.87 -3.93
CA PHE B 63 -1.14 -6.08 -3.17
C PHE B 63 -2.19 -6.39 -2.12
N GLU B 64 -2.46 -7.68 -1.90
CA GLU B 64 -3.42 -8.11 -0.87
C GLU B 64 -2.67 -8.66 0.34
N LEU B 65 -3.41 -8.83 1.42
CA LEU B 65 -2.90 -9.58 2.59
C LEU B 65 -2.56 -11.00 2.20
N ILE B 66 -1.38 -11.47 2.62
CA ILE B 66 -1.07 -12.91 2.59
C ILE B 66 -0.78 -13.49 3.97
N ASP B 67 -0.77 -12.68 5.01
CA ASP B 67 -0.78 -13.21 6.37
C ASP B 67 -1.83 -12.53 7.24
N ASN B 68 -1.79 -12.81 8.53
CA ASN B 68 -2.90 -12.51 9.38
C ASN B 68 -2.42 -12.10 10.75
N GLU B 69 -2.90 -10.93 11.16
CA GLU B 69 -2.45 -10.22 12.33
C GLU B 69 -3.27 -10.60 13.57
N PHE B 70 -4.44 -11.18 13.33
CA PHE B 70 -5.36 -11.55 14.40
C PHE B 70 -5.22 -13.03 14.74
N THR B 71 -5.07 -13.86 13.70
CA THR B 71 -4.92 -15.29 13.86
C THR B 71 -3.74 -15.76 13.01
N GLU B 72 -2.63 -16.01 13.67
CA GLU B 72 -1.36 -16.28 12.98
C GLU B 72 -1.46 -17.46 12.02
N VAL B 73 -0.90 -17.29 10.83
CA VAL B 73 -0.83 -18.38 9.86
C VAL B 73 0.17 -19.43 10.35
N GLU B 74 0.15 -20.60 9.69
CA GLU B 74 1.02 -21.71 10.03
C GLU B 74 2.48 -21.26 9.99
N LYS B 75 3.28 -21.75 10.92
CA LYS B 75 4.60 -21.19 11.16
C LYS B 75 5.53 -21.29 9.96
N GLN B 76 5.53 -22.42 9.27
CA GLN B 76 6.46 -22.59 8.16
C GLN B 76 6.19 -21.58 7.04
N ILE B 77 4.93 -21.49 6.63
CA ILE B 77 4.58 -20.59 5.54
C ILE B 77 4.76 -19.15 6.02
N GLY B 78 4.41 -18.89 7.27
CA GLY B 78 4.62 -17.57 7.87
C GLY B 78 6.08 -17.13 7.84
N ASN B 79 6.98 -18.05 8.14
CA ASN B 79 8.41 -17.73 8.06
C ASN B 79 8.88 -17.48 6.63
N VAL B 80 8.33 -18.20 5.66
CA VAL B 80 8.64 -17.94 4.25
C VAL B 80 8.17 -16.54 3.85
N ILE B 81 6.96 -16.19 4.26
CA ILE B 81 6.40 -14.87 3.96
C ILE B 81 7.26 -13.75 4.55
N ASN B 82 7.66 -13.90 5.81
CA ASN B 82 8.47 -12.90 6.50
C ASN B 82 9.84 -12.71 5.88
N TRP B 83 10.47 -13.82 5.53
CA TRP B 83 11.75 -13.83 4.83
C TRP B 83 11.61 -13.10 3.49
N THR B 84 10.56 -13.41 2.75
CA THR B 84 10.32 -12.73 1.47
C THR B 84 10.07 -11.23 1.67
N ARG B 85 9.20 -10.88 2.62
CA ARG B 85 8.93 -9.47 2.90
C ARG B 85 10.19 -8.71 3.33
N ASP B 86 10.97 -9.29 4.24
CA ASP B 86 12.21 -8.68 4.70
C ASP B 86 13.21 -8.53 3.54
N SER B 87 13.25 -9.50 2.63
CA SER B 87 14.12 -9.40 1.46
C SER B 87 13.69 -8.22 0.57
N MET B 88 12.38 -8.07 0.35
CA MET B 88 11.86 -6.92 -0.39
C MET B 88 12.14 -5.60 0.31
N THR B 89 11.98 -5.57 1.64
CA THR B 89 12.31 -4.37 2.39
C THR B 89 13.78 -3.97 2.15
N GLU B 90 14.68 -4.95 2.12
CA GLU B 90 16.10 -4.68 1.89
C GLU B 90 16.33 -4.12 0.49
N VAL B 91 15.71 -4.75 -0.52
CA VAL B 91 15.82 -4.28 -1.90
C VAL B 91 15.33 -2.86 -2.07
N TRP B 92 14.14 -2.57 -1.58
CA TRP B 92 13.57 -1.25 -1.71
C TRP B 92 14.29 -0.17 -0.91
N SER B 93 14.78 -0.51 0.29
CA SER B 93 15.53 0.46 1.09
C SER B 93 16.83 0.84 0.38
N TYR B 94 17.48 -0.17 -0.22
CA TYR B 94 18.67 0.04 -1.02
C TYR B 94 18.35 0.89 -2.25
N ASN B 95 17.27 0.54 -2.95
CA ASN B 95 16.83 1.29 -4.13
C ASN B 95 16.56 2.77 -3.79
N ALA B 96 15.79 3.00 -2.73
CA ALA B 96 15.44 4.36 -2.31
C ALA B 96 16.66 5.22 -2.00
N GLU B 97 17.56 4.66 -1.19
CA GLU B 97 18.80 5.34 -0.79
C GLU B 97 19.66 5.75 -1.99
N LEU B 98 19.83 4.81 -2.92
CA LEU B 98 20.68 5.02 -4.08
C LEU B 98 20.05 6.00 -5.07
N LEU B 99 18.75 5.87 -5.28
CA LEU B 99 18.00 6.78 -6.16
C LEU B 99 18.20 8.22 -5.71
N VAL B 100 17.95 8.47 -4.44
CA VAL B 100 18.01 9.84 -3.91
C VAL B 100 19.45 10.38 -3.93
N ALA B 101 20.43 9.54 -3.60
CA ALA B 101 21.83 9.94 -3.66
C ALA B 101 22.27 10.29 -5.10
N MET B 102 21.93 9.43 -6.05
CA MET B 102 22.19 9.68 -7.48
C MET B 102 21.51 10.94 -7.99
N GLU B 103 20.22 11.09 -7.70
CA GLU B 103 19.47 12.25 -8.13
C GLU B 103 20.06 13.52 -7.54
N ASN B 104 20.43 13.47 -6.27
CA ASN B 104 21.00 14.63 -5.59
C ASN B 104 22.33 15.05 -6.17
N GLN B 105 23.21 14.10 -6.46
CA GLN B 105 24.47 14.38 -7.13
C GLN B 105 24.19 15.09 -8.45
N HIS B 106 23.28 14.52 -9.23
CA HIS B 106 22.95 15.06 -10.53
C HIS B 106 22.32 16.46 -10.43
N THR B 107 21.47 16.64 -9.42
CA THR B 107 20.78 17.93 -9.23
C THR B 107 21.77 19.04 -8.94
N ILE B 108 22.73 18.76 -8.06
CA ILE B 108 23.75 19.75 -7.69
C ILE B 108 24.65 20.07 -8.88
N ASP B 109 25.07 19.03 -9.61
CA ASP B 109 25.91 19.20 -10.80
C ASP B 109 25.17 19.94 -11.91
N LEU B 110 23.87 19.69 -12.00
CA LEU B 110 23.03 20.35 -12.99
C LEU B 110 22.90 21.85 -12.75
N ALA B 111 22.71 22.23 -11.49
CA ALA B 111 22.66 23.64 -11.12
C ALA B 111 23.98 24.35 -11.41
N ASP B 112 25.08 23.69 -11.03
CA ASP B 112 26.44 24.15 -11.30
C ASP B 112 26.71 24.31 -12.80
N SER B 113 26.14 23.41 -13.59
CA SER B 113 26.24 23.45 -15.05
C SER B 113 25.57 24.69 -15.62
N GLU B 114 24.33 24.94 -15.21
CA GLU B 114 23.59 26.12 -15.66
C GLU B 114 24.31 27.43 -15.32
N MET B 115 24.95 27.48 -14.16
CA MET B 115 25.73 28.65 -13.76
C MET B 115 26.93 28.86 -14.69
N ASN B 116 27.61 27.76 -15.00
CA ASN B 116 28.76 27.79 -15.90
C ASN B 116 28.37 28.24 -17.31
N LYS B 117 27.25 27.70 -17.80
CA LYS B 117 26.76 28.02 -19.14
C LYS B 117 26.45 29.51 -19.29
N LEU B 118 25.82 30.08 -18.26
CA LEU B 118 25.51 31.50 -18.23
C LEU B 118 26.79 32.36 -18.26
N TYR B 119 27.80 31.92 -17.52
CA TYR B 119 29.09 32.61 -17.48
C TYR B 119 29.75 32.63 -18.85
N GLU B 120 29.82 31.47 -19.49
CA GLU B 120 30.45 31.34 -20.80
C GLU B 120 29.68 32.05 -21.90
N ARG B 121 28.36 32.11 -21.76
CA ARG B 121 27.51 32.82 -22.72
C ARG B 121 27.82 34.32 -22.70
N VAL B 122 27.99 34.87 -21.50
CA VAL B 122 28.36 36.26 -21.33
C VAL B 122 29.78 36.50 -21.84
N LYS B 123 30.70 35.61 -21.50
CA LYS B 123 32.07 35.69 -21.97
C LYS B 123 32.13 35.84 -23.49
N ARG B 124 31.34 35.03 -24.20
CA ARG B 124 31.31 35.12 -25.67
C ARG B 124 30.75 36.43 -26.19
N GLN B 125 29.75 36.97 -25.51
CA GLN B 125 29.15 38.26 -25.88
C GLN B 125 30.18 39.39 -25.84
N LEU B 126 31.02 39.40 -24.81
CA LEU B 126 31.93 40.50 -24.53
C LEU B 126 33.33 40.35 -25.15
N ARG B 127 33.47 39.51 -26.17
CA ARG B 127 34.80 39.18 -26.70
C ARG B 127 35.69 40.40 -26.88
N GLU B 128 36.91 40.30 -26.34
CA GLU B 128 37.93 41.36 -26.47
C GLU B 128 37.61 42.68 -25.76
N ASN B 129 36.32 42.96 -25.54
CA ASN B 129 35.90 44.17 -24.85
C ASN B 129 36.07 44.06 -23.33
N ALA B 130 36.24 42.84 -22.84
CA ALA B 130 36.42 42.59 -21.41
C ALA B 130 37.35 41.41 -21.17
N GLU B 131 37.77 41.24 -19.92
CA GLU B 131 38.64 40.13 -19.52
C GLU B 131 38.13 39.50 -18.21
N GLU B 132 38.38 38.19 -18.07
CA GLU B 132 37.95 37.45 -16.89
C GLU B 132 38.75 37.84 -15.67
N ASP B 133 38.05 38.14 -14.58
CA ASP B 133 38.68 38.41 -13.29
C ASP B 133 39.15 37.11 -12.65
N GLY B 134 38.27 36.11 -12.60
CA GLY B 134 38.54 34.85 -11.92
C GLY B 134 37.62 34.58 -10.75
N THR B 135 36.83 35.59 -10.38
CA THR B 135 35.83 35.47 -9.31
C THR B 135 34.41 35.39 -9.87
N GLY B 136 34.30 35.13 -11.18
CA GLY B 136 33.02 35.21 -11.88
C GLY B 136 32.71 36.62 -12.34
N CYS B 137 33.74 37.48 -12.35
CA CYS B 137 33.59 38.90 -12.72
C CYS B 137 34.24 39.18 -14.06
N PHE B 138 33.58 40.01 -14.87
CA PHE B 138 34.13 40.47 -16.13
C PHE B 138 34.50 41.95 -16.04
N GLU B 139 35.80 42.25 -16.07
CA GLU B 139 36.26 43.64 -16.10
C GLU B 139 36.08 44.20 -17.51
N ILE B 140 35.20 45.20 -17.65
CA ILE B 140 34.91 45.84 -18.93
C ILE B 140 35.79 47.09 -19.07
N PHE B 141 36.41 47.26 -20.23
CA PHE B 141 37.38 48.32 -20.45
C PHE B 141 36.76 49.66 -20.86
N HIS B 142 35.70 49.61 -21.67
CA HIS B 142 34.98 50.81 -22.07
C HIS B 142 33.93 51.16 -21.01
N LYS B 143 33.42 52.40 -21.07
CA LYS B 143 32.38 52.83 -20.15
C LYS B 143 31.07 52.15 -20.52
N CYS B 144 30.42 51.54 -19.53
CA CYS B 144 29.20 50.76 -19.74
C CYS B 144 28.10 51.23 -18.79
N ASP B 145 27.19 52.06 -19.31
CA ASP B 145 26.09 52.61 -18.52
C ASP B 145 24.98 51.57 -18.32
N ASP B 146 23.93 51.96 -17.61
CA ASP B 146 22.82 51.04 -17.30
C ASP B 146 22.17 50.45 -18.55
N ASP B 147 22.05 51.27 -19.60
CA ASP B 147 21.55 50.78 -20.89
C ASP B 147 22.52 49.77 -21.51
N CYS B 148 23.81 49.99 -21.31
CA CYS B 148 24.84 49.06 -21.77
C CYS B 148 24.82 47.74 -20.98
N MET B 149 24.65 47.85 -19.66
CA MET B 149 24.54 46.67 -18.80
C MET B 149 23.27 45.88 -19.14
N ALA B 150 22.16 46.61 -19.33
CA ALA B 150 20.88 46.00 -19.70
C ALA B 150 20.96 45.28 -21.04
N SER B 151 21.79 45.78 -21.96
CA SER B 151 21.96 45.14 -23.26
C SER B 151 22.71 43.81 -23.16
N ILE B 152 23.62 43.72 -22.18
CA ILE B 152 24.35 42.48 -21.92
C ILE B 152 23.37 41.44 -21.37
N ARG B 153 22.60 41.84 -20.35
CA ARG B 153 21.58 40.97 -19.75
C ARG B 153 20.53 40.52 -20.76
N ASN B 154 20.04 41.47 -21.56
CA ASN B 154 18.99 41.20 -22.54
C ASN B 154 19.50 40.54 -23.83
N ASN B 155 20.81 40.33 -23.92
CA ASN B 155 21.44 39.67 -25.07
C ASN B 155 21.30 40.48 -26.37
N THR B 156 21.29 41.81 -26.25
CA THR B 156 21.25 42.71 -27.39
C THR B 156 22.58 43.47 -27.56
N TYR B 157 23.55 43.17 -26.69
CA TYR B 157 24.84 43.86 -26.67
C TYR B 157 25.60 43.68 -27.99
N ASP B 158 26.14 44.79 -28.49
CA ASP B 158 26.91 44.81 -29.74
C ASP B 158 28.36 45.17 -29.43
N HIS B 159 29.24 44.18 -29.49
CA HIS B 159 30.65 44.37 -29.12
C HIS B 159 31.40 45.25 -30.11
N SER B 160 31.00 45.20 -31.39
CA SER B 160 31.65 46.00 -32.43
C SER B 160 31.49 47.50 -32.18
N ARG B 161 30.40 47.90 -31.54
CA ARG B 161 30.16 49.31 -31.20
C ARG B 161 31.25 49.87 -30.28
N TYR B 162 31.67 49.05 -29.31
CA TYR B 162 32.65 49.49 -28.30
C TYR B 162 34.06 48.96 -28.53
N ARG B 163 34.23 48.08 -29.52
CA ARG B 163 35.50 47.35 -29.69
C ARG B 163 36.72 48.25 -29.75
N GLU B 164 36.67 49.29 -30.57
CA GLU B 164 37.81 50.20 -30.77
C GLU B 164 38.35 50.75 -29.45
N GLU B 165 37.49 51.42 -28.68
CA GLU B 165 37.90 52.03 -27.42
C GLU B 165 38.34 51.02 -26.37
N ALA B 166 37.68 49.86 -26.34
CA ALA B 166 38.02 48.80 -25.39
C ALA B 166 39.36 48.15 -25.72
N MET B 167 39.56 47.83 -27.01
CA MET B 167 40.83 47.27 -27.50
C MET B 167 41.99 48.24 -27.25
N GLN B 168 41.74 49.53 -27.49
CA GLN B 168 42.72 50.57 -27.17
C GLN B 168 43.04 50.61 -25.67
N ASN B 169 42.01 50.41 -24.86
CA ASN B 169 42.17 50.36 -23.41
C ASN B 169 42.52 48.93 -22.93
N ARG B 170 43.37 48.24 -23.69
CA ARG B 170 43.85 46.90 -23.31
C ARG B 170 44.54 46.90 -21.94
C1 NAG C . 6.41 -12.36 11.01
C2 NAG C . 6.33 -13.24 12.26
C3 NAG C . 5.37 -12.70 13.31
C4 NAG C . 5.55 -11.20 13.55
C5 NAG C . 5.58 -10.47 12.20
C6 NAG C . 5.84 -8.97 12.34
C7 NAG C . 6.44 -15.70 12.33
C8 NAG C . 5.96 -16.98 11.70
N2 NAG C . 5.96 -14.57 11.81
O3 NAG C . 5.57 -13.43 14.51
O4 NAG C . 4.42 -10.78 14.28
O5 NAG C . 6.59 -11.00 11.38
O6 NAG C . 5.99 -8.40 11.06
O7 NAG C . 7.22 -15.74 13.27
C1 NAG C . 4.71 -9.85 15.35
C2 NAG C . 3.45 -9.03 15.62
C3 NAG C . 3.57 -8.14 16.86
C4 NAG C . 4.35 -8.77 18.01
C5 NAG C . 5.54 -9.61 17.54
C6 NAG C . 6.17 -10.38 18.70
C7 NAG C . 2.15 -8.58 13.60
C8 NAG C . 1.90 -7.62 12.46
N2 NAG C . 3.10 -8.22 14.47
O3 NAG C . 2.27 -7.82 17.31
O4 NAG C . 4.84 -7.73 18.84
O5 NAG C . 5.11 -10.51 16.53
O6 NAG C . 6.18 -11.76 18.45
O7 NAG C . 1.50 -9.61 13.68
C1 NAG D . 10.84 24.31 -0.69
C2 NAG D . 9.74 25.20 -1.26
C3 NAG D . 8.38 24.93 -0.62
C4 NAG D . 8.06 23.44 -0.67
C5 NAG D . 9.19 22.61 -0.05
C6 NAG D . 8.93 21.12 -0.28
C7 NAG D . 10.54 27.38 -2.08
C8 NAG D . 10.83 28.81 -1.74
N2 NAG D . 10.07 26.61 -1.09
O3 NAG D . 7.40 25.66 -1.33
O4 NAG D . 6.84 23.21 0.02
O5 NAG D . 10.45 22.94 -0.63
O6 NAG D . 9.21 20.38 0.89
O7 NAG D . 10.75 26.97 -3.22
C1 NAG E . -22.80 -27.50 -18.48
C2 NAG E . -22.21 -26.51 -19.49
C3 NAG E . -23.27 -25.54 -20.01
C4 NAG E . -24.42 -26.33 -20.60
C5 NAG E . -24.91 -27.43 -19.65
C6 NAG E . -25.90 -28.34 -20.37
C7 NAG E . -19.80 -26.26 -19.10
C8 NAG E . -18.69 -25.42 -18.53
N2 NAG E . -21.04 -25.80 -18.98
O3 NAG E . -22.73 -24.72 -21.03
O4 NAG E . -25.49 -25.44 -20.88
O5 NAG E . -23.83 -28.20 -19.15
O6 NAG E . -27.21 -28.08 -19.93
O7 NAG E . -19.52 -27.33 -19.65
S SO4 F . -39.09 -37.79 8.62
O1 SO4 F . -38.72 -38.98 9.42
O2 SO4 F . -39.41 -38.20 7.24
O3 SO4 F . -37.95 -36.85 8.61
O4 SO4 F . -40.27 -37.15 9.23
S SO4 G . -1.36 7.86 13.93
O1 SO4 G . -1.43 6.46 14.40
O2 SO4 G . 0.06 8.20 13.65
O3 SO4 G . -1.90 8.76 14.99
O4 SO4 G . -2.16 8.02 12.70
S SO4 H . 7.31 14.20 11.31
O1 SO4 H . 7.35 12.73 11.24
O2 SO4 H . 7.25 14.78 9.94
O3 SO4 H . 8.53 14.70 11.99
O4 SO4 H . 6.12 14.62 12.07
S SO4 I . -6.23 13.41 11.76
O1 SO4 I . -5.14 12.78 12.54
O2 SO4 I . -6.45 12.62 10.53
O3 SO4 I . -5.86 14.79 11.38
O4 SO4 I . -7.47 13.43 12.57
S SO4 J . -12.97 -17.57 16.73
O1 SO4 J . -12.80 -19.03 16.92
O2 SO4 J . -13.37 -17.27 15.34
O3 SO4 J . -11.68 -16.90 17.02
O4 SO4 J . -13.99 -17.08 17.70
S SO4 K . -25.97 -18.02 -13.97
O1 SO4 K . -26.56 -19.38 -13.87
O2 SO4 K . -26.46 -17.18 -12.85
O3 SO4 K . -26.38 -17.41 -15.26
O4 SO4 K . -24.49 -18.11 -13.91
S SO4 L . -32.45 -19.16 -1.88
O1 SO4 L . -32.04 -20.25 -2.79
O2 SO4 L . -31.35 -18.17 -1.74
O3 SO4 L . -32.79 -19.70 -0.55
O4 SO4 L . -33.64 -18.49 -2.45
S SO4 M . -5.35 -24.90 8.73
O1 SO4 M . -5.97 -26.25 8.73
O2 SO4 M . -4.30 -24.83 7.70
O3 SO4 M . -4.77 -24.63 10.07
O4 SO4 M . -6.39 -23.88 8.46
S SO4 N . 31.15 12.01 3.74
O1 SO4 N . 30.44 10.82 3.20
O2 SO4 N . 30.17 13.08 4.04
O3 SO4 N . 32.12 12.49 2.74
O4 SO4 N . 31.84 11.63 4.98
S SO4 O . -26.81 -27.11 25.02
O1 SO4 O . -26.10 -27.31 23.73
O2 SO4 O . -28.01 -26.26 24.80
O3 SO4 O . -25.92 -26.45 26.00
O4 SO4 O . -27.22 -28.44 25.55
S SO4 P . 24.26 39.40 -0.90
O1 SO4 P . 25.48 39.51 -1.72
O2 SO4 P . 23.07 39.52 -1.79
O3 SO4 P . 24.25 40.49 0.11
O4 SO4 P . 24.23 38.10 -0.19
S SO4 Q . -3.34 -17.35 17.47
O1 SO4 Q . -2.95 -18.67 16.92
O2 SO4 Q . -2.78 -16.26 16.63
O3 SO4 Q . -2.82 -17.25 18.85
O4 SO4 Q . -4.83 -17.25 17.50
S SO4 R . 20.22 -0.01 2.63
O1 SO4 R . 19.68 -1.32 2.21
O2 SO4 R . 19.13 1.00 2.63
O3 SO4 R . 21.28 0.43 1.69
O4 SO4 R . 20.78 -0.11 4.00
#